data_4HO5
#
_entry.id   4HO5
#
_cell.length_a   114.302
_cell.length_b   90.560
_cell.length_c   87.519
_cell.angle_alpha   90.000
_cell.angle_beta   124.960
_cell.angle_gamma   90.000
#
_symmetry.space_group_name_H-M   'C 1 2 1'
#
loop_
_entity.id
_entity.type
_entity.pdbx_description
1 polymer 'Glucose-1-phosphate thymidylyltransferase'
2 non-polymer "2'DEOXY-THYMIDINE-5'-DIPHOSPHO-ALPHA-D-GLUCOSE"
3 non-polymer 'SULFATE ION'
4 water water
#
_entity_poly.entity_id   1
_entity_poly.type   'polypeptide(L)'
_entity_poly.pdbx_seq_one_letter_code
;MKGIILSGGSGTRLYPLTKVVSKQLLPVYDKPMVYYPLSVLMLAGIKDILIISTPEDTPRFEQLLGGGSELGISLSYAVQ
SSPDGLAQAFIIGEEFIGDDNVALVLGDNIFYGHGFTELLQRAANRKSGATIFGYNVKDPQRFGVVEFDEKGKVISIEEK
PEEPKSSYAVTGLYFYDNRVVDIAKNITPSARGELEITDVNKAYLELGELHVELLGRGFAWLDTGTHESLLQASQFIETI
EKRQSLKVACLEEIAYRMGYISREQLIKLAEPLMKNEYGQYLMNLAHRSKDLVTVEG
;
_entity_poly.pdbx_strand_id   A,B
#
# COMPACT_ATOMS: atom_id res chain seq x y z
N MET A 1 22.95 12.44 -7.52
CA MET A 1 22.22 12.02 -8.76
C MET A 1 21.26 13.15 -9.16
N LYS A 2 21.02 13.27 -10.44
CA LYS A 2 20.06 14.22 -10.93
C LYS A 2 18.80 13.46 -11.27
N GLY A 3 17.72 14.18 -11.48
CA GLY A 3 16.50 13.53 -11.87
C GLY A 3 15.79 14.32 -12.93
N ILE A 4 15.07 13.61 -13.80
CA ILE A 4 14.24 14.24 -14.81
C ILE A 4 12.80 13.78 -14.67
N ILE A 5 11.85 14.71 -14.79
CA ILE A 5 10.42 14.32 -14.95
C ILE A 5 10.02 14.58 -16.36
N LEU A 6 9.62 13.54 -17.10
CA LEU A 6 9.05 13.72 -18.43
C LEU A 6 7.57 13.99 -18.29
N SER A 7 7.20 15.25 -18.54
CA SER A 7 5.89 15.77 -18.14
C SER A 7 5.20 16.49 -19.31
N GLY A 8 5.41 15.93 -20.49
CA GLY A 8 4.79 16.41 -21.75
C GLY A 8 3.82 15.41 -22.33
N GLY A 9 3.84 15.27 -23.65
CA GLY A 9 2.94 14.40 -24.36
C GLY A 9 1.61 15.08 -24.63
N SER A 10 0.79 14.42 -25.44
CA SER A 10 -0.48 15.00 -25.95
C SER A 10 -1.69 14.74 -25.02
N GLY A 11 -1.60 13.69 -24.21
CA GLY A 11 -2.76 13.23 -23.39
C GLY A 11 -4.02 13.04 -24.23
N THR A 12 -3.85 12.55 -25.45
CA THR A 12 -4.96 12.37 -26.41
C THR A 12 -6.16 11.60 -25.83
N ARG A 13 -5.88 10.54 -25.07
CA ARG A 13 -6.92 9.72 -24.52
C ARG A 13 -7.84 10.53 -23.60
N LEU A 14 -7.28 11.54 -22.96
CA LEU A 14 -8.05 12.34 -21.94
C LEU A 14 -8.75 13.53 -22.56
N TYR A 15 -8.62 13.72 -23.88
CA TYR A 15 -9.39 14.81 -24.55
C TYR A 15 -10.90 14.75 -24.13
N PRO A 16 -11.53 15.92 -23.82
CA PRO A 16 -11.10 17.30 -23.91
C PRO A 16 -10.40 17.83 -22.69
N LEU A 17 -10.11 16.97 -21.70
CA LEU A 17 -9.38 17.49 -20.51
C LEU A 17 -8.05 18.16 -20.85
N THR A 18 -7.42 17.66 -21.90
CA THR A 18 -6.04 18.05 -22.22
C THR A 18 -6.01 18.99 -23.38
N LYS A 19 -7.15 19.58 -23.72
CA LYS A 19 -7.11 20.60 -24.81
C LYS A 19 -6.32 21.85 -24.31
N VAL A 20 -6.54 22.27 -23.07
CA VAL A 20 -5.90 23.49 -22.59
C VAL A 20 -5.18 23.34 -21.21
N VAL A 21 -5.14 22.10 -20.72
CA VAL A 21 -4.31 21.73 -19.58
C VAL A 21 -3.42 20.50 -19.95
N SER A 22 -2.16 20.48 -19.48
CA SER A 22 -1.29 19.29 -19.68
C SER A 22 -1.94 18.18 -18.86
N LYS A 23 -1.86 16.95 -19.33
CA LYS A 23 -2.31 15.81 -18.47
C LYS A 23 -1.68 15.88 -17.08
N GLN A 24 -0.39 16.25 -17.02
CA GLN A 24 0.31 16.27 -15.75
C GLN A 24 -0.03 17.47 -14.82
N LEU A 25 -0.90 18.39 -15.30
CA LEU A 25 -1.46 19.44 -14.48
C LEU A 25 -2.88 19.11 -13.95
N LEU A 26 -3.43 17.97 -14.37
CA LEU A 26 -4.77 17.60 -13.90
C LEU A 26 -4.71 17.09 -12.45
N PRO A 27 -5.81 17.21 -11.70
CA PRO A 27 -5.83 16.77 -10.31
C PRO A 27 -5.72 15.25 -10.14
N VAL A 28 -4.96 14.78 -9.16
CA VAL A 28 -5.15 13.43 -8.62
C VAL A 28 -5.59 13.64 -7.18
N TYR A 29 -6.93 13.69 -7.04
CA TYR A 29 -7.68 14.00 -5.81
C TYR A 29 -7.50 15.42 -5.40
N ASP A 30 -6.40 15.70 -4.74
CA ASP A 30 -6.22 17.00 -4.09
C ASP A 30 -4.98 17.75 -4.49
N LYS A 31 -4.18 17.20 -5.39
CA LYS A 31 -2.97 17.91 -5.80
C LYS A 31 -2.66 17.60 -7.25
N PRO A 32 -1.99 18.53 -7.94
CA PRO A 32 -1.74 18.34 -9.36
C PRO A 32 -0.93 17.03 -9.58
N MET A 33 -1.22 16.36 -10.67
CA MET A 33 -0.59 15.07 -10.95
C MET A 33 0.93 15.12 -10.77
N VAL A 34 1.57 16.17 -11.27
CA VAL A 34 3.03 16.19 -11.26
C VAL A 34 3.64 16.12 -9.84
N TYR A 35 2.86 16.45 -8.81
CA TYR A 35 3.38 16.41 -7.44
C TYR A 35 3.86 15.00 -7.12
N TYR A 36 3.14 14.02 -7.68
CA TYR A 36 3.38 12.66 -7.35
C TYR A 36 4.73 12.15 -7.85
N PRO A 37 5.02 12.29 -9.16
CA PRO A 37 6.38 11.86 -9.55
C PRO A 37 7.47 12.75 -8.98
N LEU A 38 7.19 14.05 -8.82
CA LEU A 38 8.19 14.92 -8.13
C LEU A 38 8.51 14.44 -6.70
N SER A 39 7.49 13.99 -5.96
CA SER A 39 7.70 13.52 -4.61
C SER A 39 8.60 12.31 -4.60
N VAL A 40 8.48 11.48 -5.62
CA VAL A 40 9.28 10.23 -5.73
C VAL A 40 10.77 10.58 -5.90
N LEU A 41 11.07 11.54 -6.76
CA LEU A 41 12.48 11.97 -6.93
C LEU A 41 12.99 12.60 -5.65
N MET A 42 12.13 13.39 -4.98
CA MET A 42 12.60 14.02 -3.71
C MET A 42 12.89 12.96 -2.64
N LEU A 43 12.02 11.97 -2.51
CA LEU A 43 12.21 10.95 -1.49
C LEU A 43 13.42 10.06 -1.79
N ALA A 44 13.80 9.98 -3.06
CA ALA A 44 15.02 9.23 -3.46
C ALA A 44 16.29 9.99 -3.05
N GLY A 45 16.11 11.20 -2.53
CA GLY A 45 17.27 12.09 -2.21
C GLY A 45 17.81 12.93 -3.37
N ILE A 46 17.05 13.01 -4.46
CA ILE A 46 17.43 13.78 -5.62
C ILE A 46 16.97 15.25 -5.49
N LYS A 47 17.92 16.19 -5.56
CA LYS A 47 17.61 17.61 -5.29
C LYS A 47 17.84 18.50 -6.48
N ASP A 48 18.33 17.91 -7.59
CA ASP A 48 18.59 18.67 -8.81
C ASP A 48 17.80 18.04 -9.94
N ILE A 49 16.71 18.70 -10.32
CA ILE A 49 15.68 18.07 -11.12
C ILE A 49 15.28 18.93 -12.31
N LEU A 50 15.19 18.29 -13.47
CA LEU A 50 14.77 18.92 -14.70
C LEU A 50 13.39 18.42 -15.04
N ILE A 51 12.48 19.37 -15.32
CA ILE A 51 11.13 19.02 -15.75
C ILE A 51 10.97 19.34 -17.24
N ILE A 52 10.60 18.34 -18.04
CA ILE A 52 10.47 18.53 -19.47
C ILE A 52 8.98 18.53 -19.83
N SER A 53 8.54 19.48 -20.64
CA SER A 53 7.15 19.43 -21.13
C SER A 53 7.03 20.05 -22.53
N THR A 54 5.81 20.30 -22.97
CA THR A 54 5.60 20.79 -24.34
C THR A 54 5.96 22.26 -24.39
N PRO A 55 5.99 22.84 -25.57
CA PRO A 55 6.24 24.29 -25.57
C PRO A 55 5.21 25.12 -24.78
N GLU A 56 3.92 24.75 -24.87
CA GLU A 56 2.82 25.48 -24.17
C GLU A 56 2.80 25.20 -22.69
N ASP A 57 3.11 23.94 -22.32
CA ASP A 57 2.91 23.53 -20.92
C ASP A 57 4.09 23.80 -20.01
N THR A 58 5.29 23.88 -20.56
CA THR A 58 6.48 24.08 -19.71
C THR A 58 6.39 25.31 -18.81
N PRO A 59 5.92 26.46 -19.37
CA PRO A 59 5.86 27.62 -18.51
C PRO A 59 4.78 27.48 -17.42
N ARG A 60 3.81 26.61 -17.66
CA ARG A 60 2.74 26.33 -16.68
C ARG A 60 3.30 25.50 -15.49
N PHE A 61 4.19 24.56 -15.78
CA PHE A 61 4.82 23.85 -14.72
C PHE A 61 5.71 24.75 -13.90
N GLU A 62 6.45 25.64 -14.59
CA GLU A 62 7.29 26.60 -13.89
C GLU A 62 6.50 27.60 -13.00
N GLN A 63 5.34 28.01 -13.48
CA GLN A 63 4.40 28.78 -12.66
C GLN A 63 3.99 28.04 -11.38
N LEU A 64 3.70 26.74 -11.52
CA LEU A 64 3.26 25.94 -10.40
C LEU A 64 4.33 25.70 -9.36
N LEU A 65 5.54 25.31 -9.81
CA LEU A 65 6.55 24.74 -8.92
C LEU A 65 7.71 25.69 -8.66
N GLY A 66 7.94 26.62 -9.57
CA GLY A 66 9.00 27.63 -9.42
C GLY A 66 10.39 27.00 -9.58
N GLY A 67 11.41 27.64 -9.03
CA GLY A 67 12.80 27.13 -9.20
C GLY A 67 13.27 26.19 -8.10
N GLY A 68 12.34 25.81 -7.22
CA GLY A 68 12.62 24.84 -6.19
C GLY A 68 13.13 25.37 -4.85
N SER A 69 13.55 26.64 -4.79
CA SER A 69 14.11 27.13 -3.55
C SER A 69 13.18 26.95 -2.35
N GLU A 70 11.88 27.10 -2.56
CA GLU A 70 10.90 26.86 -1.46
C GLU A 70 11.03 25.47 -0.88
N LEU A 71 11.44 24.51 -1.72
CA LEU A 71 11.51 23.10 -1.31
C LEU A 71 12.94 22.65 -0.98
N GLY A 72 13.86 23.61 -0.96
CA GLY A 72 15.25 23.33 -0.70
C GLY A 72 15.91 22.53 -1.81
N ILE A 73 15.37 22.65 -3.02
CA ILE A 73 15.87 21.88 -4.18
C ILE A 73 16.10 22.79 -5.39
N SER A 74 16.61 22.22 -6.47
CA SER A 74 16.75 22.98 -7.71
C SER A 74 15.90 22.39 -8.79
N LEU A 75 14.92 23.17 -9.26
CA LEU A 75 14.11 22.81 -10.41
C LEU A 75 14.44 23.64 -11.62
N SER A 76 14.72 22.96 -12.72
CA SER A 76 14.93 23.57 -14.03
C SER A 76 13.93 23.04 -15.03
N TYR A 77 13.82 23.73 -16.16
CA TYR A 77 12.80 23.40 -17.18
C TYR A 77 13.37 23.33 -18.57
N ALA A 78 12.88 22.39 -19.35
CA ALA A 78 13.23 22.33 -20.74
C ALA A 78 12.04 21.97 -21.60
N VAL A 79 12.02 22.49 -22.83
CA VAL A 79 10.95 22.17 -23.75
C VAL A 79 11.25 21.00 -24.65
N GLN A 80 10.28 20.11 -24.80
CA GLN A 80 10.30 19.09 -25.83
C GLN A 80 9.36 19.51 -26.96
N SER A 81 9.93 19.78 -28.13
CA SER A 81 9.14 20.35 -29.22
C SER A 81 8.10 19.38 -29.79
N SER A 82 8.36 18.08 -29.68
CA SER A 82 7.43 17.07 -30.15
C SER A 82 7.57 15.79 -29.30
N PRO A 83 6.44 15.13 -28.98
CA PRO A 83 6.56 13.97 -28.07
C PRO A 83 7.10 12.73 -28.82
N ASP A 84 8.40 12.77 -29.12
CA ASP A 84 9.05 11.80 -30.00
C ASP A 84 9.65 10.59 -29.25
N GLY A 85 9.42 10.53 -27.95
CA GLY A 85 9.82 9.32 -27.23
C GLY A 85 10.39 9.61 -25.86
N LEU A 86 10.25 8.64 -24.96
CA LEU A 86 10.78 8.79 -23.61
C LEU A 86 12.30 9.00 -23.62
N ALA A 87 12.98 8.29 -24.52
CA ALA A 87 14.45 8.37 -24.57
C ALA A 87 14.95 9.76 -24.93
N GLN A 88 14.08 10.58 -25.51
CA GLN A 88 14.42 11.98 -25.77
C GLN A 88 14.70 12.79 -24.51
N ALA A 89 14.25 12.32 -23.36
CA ALA A 89 14.56 13.02 -22.13
C ALA A 89 16.08 13.24 -21.92
N PHE A 90 16.87 12.26 -22.33
CA PHE A 90 18.30 12.31 -22.05
C PHE A 90 19.01 13.11 -23.10
N ILE A 91 18.36 13.29 -24.24
CA ILE A 91 18.91 14.12 -25.32
C ILE A 91 18.68 15.60 -25.02
N ILE A 92 17.43 15.92 -24.73
CA ILE A 92 17.06 17.24 -24.21
C ILE A 92 17.83 17.61 -22.94
N GLY A 93 18.01 16.63 -22.04
CA GLY A 93 18.62 16.86 -20.73
C GLY A 93 20.13 16.61 -20.71
N GLU A 94 20.74 16.53 -21.89
CA GLU A 94 22.19 16.22 -21.93
C GLU A 94 23.02 17.23 -21.19
N GLU A 95 22.82 18.53 -21.47
CA GLU A 95 23.61 19.52 -20.78
C GLU A 95 23.33 19.48 -19.29
N PHE A 96 22.06 19.33 -18.94
CA PHE A 96 21.69 19.21 -17.53
C PHE A 96 22.40 18.06 -16.82
N ILE A 97 22.37 16.87 -17.45
CA ILE A 97 22.95 15.66 -16.86
C ILE A 97 24.48 15.76 -16.64
N GLY A 98 25.16 16.37 -17.59
CA GLY A 98 26.61 16.46 -17.50
C GLY A 98 27.18 15.07 -17.39
N ASP A 99 28.08 14.88 -16.42
CA ASP A 99 28.75 13.60 -16.23
C ASP A 99 28.02 12.71 -15.25
N ASP A 100 26.91 13.20 -14.68
CA ASP A 100 26.28 12.58 -13.51
C ASP A 100 25.38 11.40 -13.88
N ASN A 101 25.11 10.54 -12.90
CA ASN A 101 24.00 9.59 -13.01
C ASN A 101 22.68 10.34 -12.94
N VAL A 102 21.62 9.68 -13.39
CA VAL A 102 20.33 10.36 -13.52
C VAL A 102 19.20 9.38 -13.43
N ALA A 103 18.09 9.82 -12.79
CA ALA A 103 16.87 9.04 -12.69
C ALA A 103 15.84 9.69 -13.57
N LEU A 104 14.99 8.87 -14.17
CA LEU A 104 13.87 9.37 -14.93
C LEU A 104 12.56 8.88 -14.29
N VAL A 105 11.59 9.79 -14.14
CA VAL A 105 10.25 9.40 -13.74
C VAL A 105 9.23 9.96 -14.71
N LEU A 106 8.22 9.14 -15.06
CA LEU A 106 7.19 9.54 -15.99
C LEU A 106 6.12 10.37 -15.25
N GLY A 107 5.66 11.43 -15.90
CA GLY A 107 4.79 12.44 -15.22
C GLY A 107 3.41 11.91 -14.80
N ASP A 108 2.92 10.90 -15.50
CA ASP A 108 1.59 10.36 -15.25
C ASP A 108 1.56 9.09 -14.38
N ASN A 109 2.69 8.75 -13.79
CA ASN A 109 2.75 7.53 -12.95
C ASN A 109 2.52 7.88 -11.47
N ILE A 110 1.81 7.01 -10.75
CA ILE A 110 1.61 7.21 -9.29
C ILE A 110 2.13 5.98 -8.61
N PHE A 111 3.19 6.15 -7.83
CA PHE A 111 3.71 5.04 -7.01
C PHE A 111 3.37 5.32 -5.55
N TYR A 112 2.97 4.28 -4.83
CA TYR A 112 2.77 4.41 -3.37
C TYR A 112 2.88 3.06 -2.68
N GLY A 113 3.67 2.98 -1.62
CA GLY A 113 3.66 1.77 -0.84
C GLY A 113 4.66 1.77 0.26
N HIS A 114 4.47 0.87 1.19
CA HIS A 114 5.31 0.76 2.30
C HIS A 114 6.71 0.34 1.90
N GLY A 115 7.69 1.02 2.47
CA GLY A 115 9.11 0.69 2.18
C GLY A 115 9.70 1.38 0.96
N PHE A 116 8.89 2.13 0.23
CA PHE A 116 9.35 2.73 -1.03
C PHE A 116 10.53 3.72 -0.84
N THR A 117 10.54 4.50 0.23
CA THR A 117 11.55 5.55 0.35
C THR A 117 12.90 4.86 0.44
N GLU A 118 12.98 3.84 1.28
CA GLU A 118 14.20 3.04 1.39
C GLU A 118 14.65 2.43 0.05
N LEU A 119 13.71 1.89 -0.72
CA LEU A 119 14.02 1.28 -1.98
C LEU A 119 14.57 2.35 -2.96
N LEU A 120 13.90 3.49 -3.00
CA LEU A 120 14.35 4.62 -3.85
C LEU A 120 15.80 5.01 -3.54
N GLN A 121 16.09 5.26 -2.26
CA GLN A 121 17.42 5.73 -1.87
C GLN A 121 18.50 4.69 -2.19
N ARG A 122 18.12 3.41 -2.11
CA ARG A 122 19.03 2.35 -2.53
C ARG A 122 19.33 2.45 -4.00
N ALA A 123 18.29 2.58 -4.80
CA ALA A 123 18.47 2.58 -6.23
C ALA A 123 19.27 3.82 -6.58
N ALA A 124 19.00 4.93 -5.88
CA ALA A 124 19.63 6.21 -6.23
C ALA A 124 21.12 6.16 -5.91
N ASN A 125 21.48 5.29 -5.00
CA ASN A 125 22.86 5.19 -4.57
C ASN A 125 23.68 4.12 -5.30
N ARG A 126 23.04 3.40 -6.22
CA ARG A 126 23.73 2.42 -7.08
C ARG A 126 24.45 3.15 -8.23
N LYS A 127 25.77 2.98 -8.31
CA LYS A 127 26.59 3.84 -9.14
C LYS A 127 26.69 3.34 -10.59
N SER A 128 26.45 2.03 -10.81
CA SER A 128 26.51 1.43 -12.17
C SER A 128 25.25 0.76 -12.60
N GLY A 129 24.97 0.84 -13.90
CA GLY A 129 23.94 -0.02 -14.52
C GLY A 129 22.60 0.75 -14.56
N ALA A 130 21.56 0.03 -14.94
CA ALA A 130 20.19 0.60 -14.99
C ALA A 130 19.36 -0.16 -13.96
N THR A 131 18.56 0.56 -13.14
CA THR A 131 17.58 -0.14 -12.28
C THR A 131 16.17 0.18 -12.74
N ILE A 132 15.40 -0.86 -12.99
CA ILE A 132 13.96 -0.70 -13.38
C ILE A 132 13.12 -1.41 -12.35
N PHE A 133 11.82 -1.09 -12.35
CA PHE A 133 10.89 -1.57 -11.30
C PHE A 133 9.72 -2.26 -11.94
N GLY A 134 9.59 -3.54 -11.65
CA GLY A 134 8.55 -4.37 -12.30
C GLY A 134 7.31 -4.49 -11.43
N TYR A 135 6.15 -4.68 -12.07
CA TYR A 135 4.88 -4.79 -11.31
C TYR A 135 3.94 -5.73 -12.02
N ASN A 136 3.38 -6.71 -11.29
CA ASN A 136 2.49 -7.72 -11.92
C ASN A 136 1.17 -7.03 -12.30
N VAL A 137 0.78 -7.12 -13.58
CA VAL A 137 -0.41 -6.39 -14.04
C VAL A 137 -1.33 -7.29 -14.81
N LYS A 138 -2.59 -6.87 -14.87
CA LYS A 138 -3.59 -7.51 -15.68
C LYS A 138 -3.28 -7.48 -17.15
N ASP A 139 -2.92 -6.36 -17.69
CA ASP A 139 -2.88 -6.44 -19.20
C ASP A 139 -1.53 -6.07 -19.70
N PRO A 140 -0.55 -6.99 -19.57
CA PRO A 140 0.86 -6.60 -19.72
C PRO A 140 1.21 -6.06 -21.10
N GLN A 141 0.47 -6.48 -22.13
CA GLN A 141 0.62 -5.91 -23.47
C GLN A 141 0.50 -4.40 -23.57
N ARG A 142 -0.09 -3.76 -22.56
CA ARG A 142 -0.24 -2.28 -22.54
C ARG A 142 1.07 -1.54 -22.14
N PHE A 143 2.08 -2.31 -21.71
CA PHE A 143 3.25 -1.74 -21.04
C PHE A 143 4.55 -2.29 -21.66
N GLY A 144 5.69 -1.75 -21.24
CA GLY A 144 6.95 -2.50 -21.37
C GLY A 144 6.86 -3.71 -20.46
N VAL A 145 7.40 -4.85 -20.89
CA VAL A 145 7.23 -6.08 -20.13
C VAL A 145 8.58 -6.70 -19.88
N VAL A 146 8.87 -7.03 -18.63
CA VAL A 146 10.17 -7.63 -18.29
C VAL A 146 10.02 -9.12 -17.92
N GLU A 147 10.88 -9.95 -18.50
CA GLU A 147 10.88 -11.38 -18.21
C GLU A 147 12.18 -11.72 -17.46
N PHE A 148 12.08 -12.42 -16.34
CA PHE A 148 13.26 -12.66 -15.47
C PHE A 148 13.34 -14.08 -14.93
N ASP A 149 14.55 -14.38 -14.42
CA ASP A 149 14.98 -15.65 -13.76
C ASP A 149 14.29 -15.99 -12.46
N GLU A 150 14.54 -17.22 -11.98
CA GLU A 150 14.26 -17.59 -10.59
C GLU A 150 15.15 -16.82 -9.62
N LYS A 151 16.30 -16.35 -10.11
CA LYS A 151 17.22 -15.55 -9.28
C LYS A 151 17.00 -14.03 -9.47
N GLY A 152 16.04 -13.68 -10.33
CA GLY A 152 15.68 -12.27 -10.55
C GLY A 152 16.47 -11.65 -11.68
N LYS A 153 17.16 -12.48 -12.45
CA LYS A 153 18.01 -11.99 -13.52
C LYS A 153 17.23 -11.80 -14.80
N VAL A 154 17.30 -10.59 -15.35
CA VAL A 154 16.54 -10.29 -16.55
C VAL A 154 16.88 -11.17 -17.75
N ILE A 155 15.85 -11.62 -18.44
CA ILE A 155 16.00 -12.41 -19.63
C ILE A 155 15.66 -11.61 -20.89
N SER A 156 14.55 -10.86 -20.86
CA SER A 156 14.13 -10.08 -21.99
C SER A 156 13.33 -8.84 -21.53
N ILE A 157 13.23 -7.87 -22.41
CA ILE A 157 12.39 -6.69 -22.17
C ILE A 157 11.81 -6.19 -23.47
N GLU A 158 10.50 -6.02 -23.52
CA GLU A 158 9.83 -5.71 -24.78
C GLU A 158 8.78 -4.66 -24.57
N GLU A 159 8.63 -3.74 -25.53
CA GLU A 159 7.64 -2.69 -25.44
C GLU A 159 6.29 -3.12 -26.03
N LYS A 160 5.27 -3.16 -25.17
CA LYS A 160 3.91 -3.51 -25.57
C LYS A 160 3.86 -4.75 -26.47
N PRO A 161 4.46 -5.88 -26.00
CA PRO A 161 4.47 -7.10 -26.82
C PRO A 161 3.04 -7.62 -27.10
N GLU A 162 2.76 -8.00 -28.34
CA GLU A 162 1.48 -8.64 -28.64
C GLU A 162 1.33 -9.95 -27.85
N GLU A 163 2.44 -10.66 -27.66
CA GLU A 163 2.46 -11.85 -26.83
C GLU A 163 3.42 -11.67 -25.67
N PRO A 164 2.94 -11.13 -24.55
CA PRO A 164 3.82 -10.83 -23.43
C PRO A 164 4.49 -12.09 -22.86
N LYS A 165 5.79 -11.98 -22.56
CA LYS A 165 6.54 -13.08 -22.04
C LYS A 165 6.40 -13.26 -20.54
N SER A 166 5.74 -12.30 -19.89
CA SER A 166 5.49 -12.39 -18.47
C SER A 166 4.35 -11.44 -18.15
N SER A 167 3.95 -11.41 -16.87
CA SER A 167 2.90 -10.53 -16.38
C SER A 167 3.47 -9.24 -15.77
N TYR A 168 4.77 -9.05 -15.88
CA TYR A 168 5.42 -7.92 -15.17
C TYR A 168 5.65 -6.70 -16.06
N ALA A 169 4.89 -5.65 -15.79
CA ALA A 169 5.10 -4.36 -16.41
C ALA A 169 6.37 -3.70 -15.88
N VAL A 170 7.05 -2.98 -16.76
CA VAL A 170 8.14 -2.11 -16.39
C VAL A 170 7.58 -0.71 -16.18
N THR A 171 7.49 -0.34 -14.89
CA THR A 171 6.83 0.94 -14.50
C THR A 171 7.68 2.16 -14.89
N GLY A 172 7.12 3.37 -14.75
CA GLY A 172 7.78 4.58 -15.28
C GLY A 172 8.74 5.25 -14.31
N LEU A 173 9.72 4.50 -13.84
CA LEU A 173 10.72 5.02 -12.92
C LEU A 173 11.99 4.24 -13.24
N TYR A 174 13.06 4.96 -13.52
CA TYR A 174 14.31 4.34 -14.07
C TYR A 174 15.49 5.04 -13.47
N PHE A 175 16.51 4.29 -13.06
CA PHE A 175 17.73 4.92 -12.54
C PHE A 175 18.86 4.49 -13.41
N TYR A 176 19.66 5.44 -13.86
CA TYR A 176 20.74 5.15 -14.88
C TYR A 176 22.06 5.71 -14.42
N ASP A 177 23.15 5.08 -14.84
CA ASP A 177 24.42 5.76 -14.76
C ASP A 177 24.59 6.63 -16.03
N ASN A 178 25.74 7.31 -16.14
CA ASN A 178 25.89 8.37 -17.14
C ASN A 178 25.93 7.85 -18.58
N ARG A 179 26.07 6.53 -18.76
CA ARG A 179 26.06 5.96 -20.10
C ARG A 179 24.77 6.17 -20.84
N VAL A 180 23.72 6.51 -20.11
CA VAL A 180 22.43 6.55 -20.70
C VAL A 180 22.31 7.64 -21.76
N VAL A 181 23.07 8.72 -21.60
CA VAL A 181 23.06 9.83 -22.59
C VAL A 181 23.50 9.32 -23.96
N ASP A 182 24.66 8.69 -24.04
CA ASP A 182 25.10 8.17 -25.36
C ASP A 182 24.26 7.00 -25.87
N ILE A 183 23.72 6.21 -24.95
CA ILE A 183 22.79 5.19 -25.35
C ILE A 183 21.57 5.82 -26.05
N ALA A 184 21.05 6.88 -25.47
CA ALA A 184 19.82 7.48 -25.93
C ALA A 184 20.07 8.11 -27.31
N LYS A 185 21.27 8.64 -27.51
CA LYS A 185 21.64 9.20 -28.82
C LYS A 185 21.73 8.18 -29.91
N ASN A 186 21.99 6.93 -29.54
CA ASN A 186 22.15 5.87 -30.54
C ASN A 186 20.94 5.01 -30.81
N ILE A 187 19.84 5.19 -30.10
CA ILE A 187 18.67 4.39 -30.47
C ILE A 187 17.93 5.06 -31.65
N THR A 188 17.03 4.31 -32.26
CA THR A 188 16.29 4.81 -33.40
C THR A 188 14.82 4.48 -33.21
N PRO A 189 13.95 5.13 -34.00
CA PRO A 189 12.56 5.07 -33.62
C PRO A 189 11.98 3.68 -33.82
N SER A 190 11.04 3.33 -32.95
CA SER A 190 10.33 2.05 -33.07
C SER A 190 9.24 2.14 -34.17
N ALA A 191 8.41 1.10 -34.27
CA ALA A 191 7.21 1.11 -35.13
C ALA A 191 6.16 2.13 -34.73
N ARG A 192 6.22 2.60 -33.48
CA ARG A 192 5.26 3.59 -32.99
C ARG A 192 5.81 5.00 -33.26
N GLY A 193 7.00 5.04 -33.85
CA GLY A 193 7.60 6.30 -34.24
C GLY A 193 8.28 6.99 -33.07
N GLU A 194 8.65 6.22 -32.04
CA GLU A 194 9.14 6.81 -30.81
C GLU A 194 10.51 6.25 -30.43
N LEU A 195 11.34 7.11 -29.84
CA LEU A 195 12.59 6.69 -29.26
C LEU A 195 12.34 6.14 -27.84
N GLU A 196 12.36 4.81 -27.74
CA GLU A 196 11.66 4.11 -26.66
C GLU A 196 12.61 3.99 -25.47
N ILE A 197 12.08 4.19 -24.25
CA ILE A 197 12.88 3.83 -23.07
C ILE A 197 13.22 2.32 -23.04
N THR A 198 12.35 1.49 -23.64
CA THR A 198 12.58 0.07 -23.65
C THR A 198 13.82 -0.28 -24.44
N ASP A 199 14.13 0.52 -25.46
CA ASP A 199 15.40 0.34 -26.17
C ASP A 199 16.63 0.82 -25.41
N VAL A 200 16.49 1.89 -24.61
CA VAL A 200 17.54 2.23 -23.61
C VAL A 200 17.80 1.06 -22.66
N ASN A 201 16.73 0.45 -22.13
CA ASN A 201 16.88 -0.66 -21.21
C ASN A 201 17.45 -1.92 -21.88
N LYS A 202 17.08 -2.14 -23.15
CA LYS A 202 17.68 -3.20 -23.96
C LYS A 202 19.19 -3.08 -24.06
N ALA A 203 19.68 -1.87 -24.29
CA ALA A 203 21.15 -1.60 -24.32
C ALA A 203 21.84 -2.04 -23.02
N TYR A 204 21.23 -1.71 -21.87
CA TYR A 204 21.81 -2.17 -20.62
C TYR A 204 21.69 -3.67 -20.47
N LEU A 205 20.59 -4.25 -20.96
CA LEU A 205 20.40 -5.69 -20.90
C LEU A 205 21.48 -6.43 -21.72
N GLU A 206 21.81 -5.88 -22.88
CA GLU A 206 22.92 -6.47 -23.71
C GLU A 206 24.24 -6.54 -22.92
N LEU A 207 24.47 -5.56 -22.07
CA LEU A 207 25.67 -5.46 -21.27
C LEU A 207 25.59 -6.32 -20.01
N GLY A 208 24.42 -6.95 -19.77
CA GLY A 208 24.18 -7.62 -18.51
C GLY A 208 24.07 -6.71 -17.31
N GLU A 209 23.61 -5.48 -17.54
CA GLU A 209 23.61 -4.49 -16.50
C GLU A 209 22.25 -3.87 -16.31
N LEU A 210 21.22 -4.57 -16.70
CA LEU A 210 19.83 -4.17 -16.40
C LEU A 210 19.37 -4.93 -15.17
N HIS A 211 19.03 -4.18 -14.11
CA HIS A 211 18.69 -4.77 -12.80
C HIS A 211 17.23 -4.44 -12.46
N VAL A 212 16.43 -5.46 -12.15
CA VAL A 212 14.99 -5.22 -11.87
C VAL A 212 14.69 -5.37 -10.38
N GLU A 213 13.92 -4.44 -9.84
CA GLU A 213 13.34 -4.57 -8.50
C GLU A 213 11.87 -4.82 -8.69
N LEU A 214 11.31 -5.85 -8.02
CA LEU A 214 9.89 -6.13 -8.16
C LEU A 214 9.19 -5.42 -7.06
N LEU A 215 8.14 -4.67 -7.41
CA LEU A 215 7.56 -3.77 -6.41
C LEU A 215 6.67 -4.53 -5.39
N GLY A 216 6.06 -5.63 -5.85
CA GLY A 216 5.21 -6.55 -5.04
C GLY A 216 3.70 -6.19 -5.07
N ARG A 217 2.85 -7.15 -4.75
CA ARG A 217 1.41 -6.94 -4.84
C ARG A 217 0.90 -5.96 -3.76
N GLY A 218 1.68 -5.80 -2.70
CA GLY A 218 1.32 -4.87 -1.68
C GLY A 218 1.61 -3.41 -2.03
N PHE A 219 2.25 -3.19 -3.18
CA PHE A 219 2.57 -1.84 -3.62
C PHE A 219 1.46 -1.38 -4.58
N ALA A 220 1.19 -0.07 -4.62
CA ALA A 220 0.26 0.47 -5.59
C ALA A 220 0.99 1.18 -6.68
N TRP A 221 0.75 0.76 -7.91
CA TRP A 221 1.24 1.50 -9.08
C TRP A 221 0.12 1.71 -10.05
N LEU A 222 -0.20 2.97 -10.25
CA LEU A 222 -1.29 3.36 -11.10
C LEU A 222 -0.78 4.31 -12.16
N ASP A 223 -1.55 4.48 -13.23
CA ASP A 223 -1.32 5.63 -14.07
C ASP A 223 -2.63 6.27 -14.51
N THR A 224 -2.53 7.49 -14.91
CA THR A 224 -3.67 8.30 -15.11
C THR A 224 -3.95 8.41 -16.60
N GLY A 225 -3.75 7.33 -17.35
CA GLY A 225 -3.79 7.48 -18.83
C GLY A 225 -5.19 7.58 -19.44
N THR A 226 -6.20 7.09 -18.71
CA THR A 226 -7.61 7.19 -19.14
C THR A 226 -8.50 7.94 -18.14
N HIS A 227 -9.67 8.39 -18.59
CA HIS A 227 -10.61 9.06 -17.64
C HIS A 227 -10.94 8.16 -16.45
N GLU A 228 -11.15 6.86 -16.73
CA GLU A 228 -11.47 5.90 -15.69
C GLU A 228 -10.33 5.72 -14.68
N SER A 229 -9.10 5.54 -15.21
CA SER A 229 -7.94 5.26 -14.37
C SER A 229 -7.51 6.50 -13.58
N LEU A 230 -7.72 7.68 -14.19
CA LEU A 230 -7.48 8.95 -13.47
C LEU A 230 -8.43 9.05 -12.26
N LEU A 231 -9.70 8.76 -12.48
CA LEU A 231 -10.67 8.80 -11.42
C LEU A 231 -10.39 7.76 -10.34
N GLN A 232 -9.97 6.57 -10.74
CA GLN A 232 -9.61 5.53 -9.72
C GLN A 232 -8.43 5.88 -8.87
N ALA A 233 -7.42 6.43 -9.49
CA ALA A 233 -6.23 6.92 -8.77
C ALA A 233 -6.59 8.01 -7.75
N SER A 234 -7.52 8.89 -8.14
CA SER A 234 -7.98 9.98 -7.22
C SER A 234 -8.67 9.37 -6.02
N GLN A 235 -9.55 8.39 -6.28
CA GLN A 235 -10.25 7.71 -5.23
C GLN A 235 -9.29 7.01 -4.27
N PHE A 236 -8.25 6.39 -4.84
CA PHE A 236 -7.26 5.66 -4.08
C PHE A 236 -6.58 6.61 -3.09
N ILE A 237 -6.09 7.73 -3.59
CA ILE A 237 -5.42 8.69 -2.73
C ILE A 237 -6.39 9.24 -1.65
N GLU A 238 -7.63 9.58 -2.04
CA GLU A 238 -8.62 10.06 -1.05
C GLU A 238 -8.80 9.09 0.11
N THR A 239 -8.84 7.82 -0.22
CA THR A 239 -9.10 6.80 0.79
C THR A 239 -7.94 6.66 1.75
N ILE A 240 -6.73 6.74 1.22
CA ILE A 240 -5.53 6.76 2.06
C ILE A 240 -5.45 7.96 2.96
N GLU A 241 -5.66 9.14 2.41
CA GLU A 241 -5.50 10.37 3.17
C GLU A 241 -6.60 10.59 4.19
N LYS A 242 -7.79 10.13 3.90
CA LYS A 242 -8.94 10.29 4.81
C LYS A 242 -8.74 9.53 6.11
N ARG A 243 -8.20 8.33 6.01
CA ARG A 243 -8.04 7.49 7.15
C ARG A 243 -6.92 8.01 8.07
N GLN A 244 -5.85 8.44 7.44
CA GLN A 244 -4.58 8.74 8.15
C GLN A 244 -4.56 10.21 8.48
N SER A 245 -3.65 10.63 9.33
CA SER A 245 -3.54 12.09 9.46
C SER A 245 -2.68 12.73 8.35
N LEU A 246 -2.42 12.01 7.26
CA LEU A 246 -1.22 12.23 6.48
C LEU A 246 -1.55 12.35 4.99
N LYS A 247 -0.77 13.19 4.30
CA LYS A 247 -0.93 13.39 2.87
C LYS A 247 0.10 12.61 2.08
N VAL A 248 -0.33 12.16 0.89
CA VAL A 248 0.57 11.56 -0.09
C VAL A 248 1.12 12.63 -1.03
N ALA A 249 2.45 12.68 -1.16
CA ALA A 249 3.12 13.62 -2.13
C ALA A 249 2.84 15.11 -1.81
N CYS A 250 2.77 15.42 -0.54
CA CYS A 250 2.82 16.82 -0.08
C CYS A 250 4.30 17.35 -0.12
N LEU A 251 4.61 18.10 -1.17
CA LEU A 251 6.02 18.41 -1.49
C LEU A 251 6.72 19.12 -0.31
N GLU A 252 6.02 20.07 0.32
CA GLU A 252 6.61 20.85 1.44
C GLU A 252 6.87 19.97 2.64
N GLU A 253 5.96 19.06 2.92
CA GLU A 253 6.20 18.07 3.97
C GLU A 253 7.49 17.26 3.68
N ILE A 254 7.59 16.74 2.48
CA ILE A 254 8.76 15.97 2.11
C ILE A 254 10.04 16.76 2.19
N ALA A 255 10.00 18.02 1.77
CA ALA A 255 11.20 18.89 1.87
C ALA A 255 11.63 19.02 3.31
N TYR A 256 10.66 19.15 4.20
CA TYR A 256 10.95 19.24 5.61
C TYR A 256 11.48 17.91 6.16
N ARG A 257 10.76 16.82 5.88
CA ARG A 257 11.15 15.50 6.39
C ARG A 257 12.50 15.02 5.85
N MET A 258 12.89 15.49 4.66
CA MET A 258 14.15 15.06 4.01
C MET A 258 15.33 15.97 4.48
N GLY A 259 14.98 16.99 5.25
CA GLY A 259 15.95 17.96 5.75
C GLY A 259 16.34 19.05 4.76
N TYR A 260 15.62 19.16 3.64
CA TYR A 260 15.98 20.13 2.63
C TYR A 260 15.63 21.56 3.09
N ILE A 261 14.60 21.65 3.95
CA ILE A 261 14.19 22.91 4.56
C ILE A 261 13.99 22.75 6.04
N SER A 262 14.03 23.88 6.75
CA SER A 262 13.91 23.89 8.19
C SER A 262 12.46 24.02 8.65
N ARG A 263 12.27 23.84 9.95
CA ARG A 263 10.97 24.08 10.61
C ARG A 263 10.48 25.51 10.37
N GLU A 264 11.41 26.46 10.51
CA GLU A 264 11.10 27.87 10.34
C GLU A 264 10.68 28.14 8.91
N GLN A 265 11.42 27.53 7.97
CA GLN A 265 11.12 27.68 6.55
C GLN A 265 9.74 27.09 6.22
N LEU A 266 9.41 25.99 6.89
CA LEU A 266 8.09 25.33 6.70
C LEU A 266 6.96 26.21 7.21
N ILE A 267 7.15 26.78 8.39
CA ILE A 267 6.23 27.84 8.85
C ILE A 267 6.00 28.95 7.85
N LYS A 268 7.08 29.50 7.28
CA LYS A 268 6.96 30.54 6.28
C LYS A 268 6.15 30.11 5.07
N LEU A 269 6.30 28.85 4.64
CA LEU A 269 5.46 28.31 3.55
C LEU A 269 4.00 28.15 3.96
N ALA A 270 3.78 27.77 5.21
CA ALA A 270 2.42 27.48 5.70
C ALA A 270 1.59 28.80 5.85
N GLU A 271 2.26 29.89 6.23
CA GLU A 271 1.56 31.19 6.50
C GLU A 271 0.57 31.68 5.41
N PRO A 272 1.02 31.79 4.14
CA PRO A 272 0.14 32.26 3.06
C PRO A 272 -0.90 31.23 2.60
N LEU A 273 -0.83 30.04 3.21
CA LEU A 273 -1.77 28.96 2.91
C LEU A 273 -2.69 28.63 4.07
N MET A 274 -2.59 29.40 5.17
CA MET A 274 -3.41 29.13 6.36
C MET A 274 -4.91 29.27 6.08
N LYS A 275 -5.22 29.99 5.00
CA LYS A 275 -6.60 30.12 4.51
C LYS A 275 -7.17 28.83 3.94
N ASN A 276 -6.33 27.81 3.80
CA ASN A 276 -6.85 26.51 3.31
C ASN A 276 -6.30 25.32 4.09
N GLU A 277 -6.89 24.13 3.88
CA GLU A 277 -6.57 22.98 4.69
C GLU A 277 -5.13 22.51 4.47
N TYR A 278 -4.63 22.75 3.27
CA TYR A 278 -3.28 22.37 2.93
C TYR A 278 -2.25 23.13 3.78
N GLY A 279 -2.44 24.45 3.93
CA GLY A 279 -1.56 25.25 4.77
C GLY A 279 -1.66 24.81 6.21
N GLN A 280 -2.89 24.55 6.64
CA GLN A 280 -3.13 24.10 8.01
C GLN A 280 -2.37 22.80 8.32
N TYR A 281 -2.39 21.88 7.34
CA TYR A 281 -1.62 20.66 7.43
C TYR A 281 -0.13 20.92 7.63
N LEU A 282 0.43 21.83 6.81
CA LEU A 282 1.87 22.13 6.88
C LEU A 282 2.20 22.74 8.26
N MET A 283 1.34 23.65 8.71
CA MET A 283 1.56 24.34 10.00
C MET A 283 1.50 23.40 11.18
N ASN A 284 0.54 22.50 11.18
CA ASN A 284 0.48 21.47 12.21
C ASN A 284 1.73 20.62 12.22
N LEU A 285 2.27 20.34 11.04
CA LEU A 285 3.49 19.55 10.96
C LEU A 285 4.67 20.32 11.53
N ALA A 286 4.78 21.61 11.18
CA ALA A 286 5.87 22.45 11.65
C ALA A 286 5.85 22.56 13.17
N HIS A 287 4.67 22.48 13.75
CA HIS A 287 4.54 22.70 15.18
C HIS A 287 4.58 21.42 15.98
N ARG A 288 4.82 20.29 15.29
CA ARG A 288 4.97 18.98 15.94
C ARG A 288 6.43 18.71 16.32
N MET B 1 0.81 -21.37 16.51
CA MET B 1 -0.02 -20.34 17.23
C MET B 1 -1.44 -20.54 16.77
N LYS B 2 -2.40 -20.45 17.69
CA LYS B 2 -3.81 -20.43 17.32
C LYS B 2 -4.29 -19.02 16.97
N GLY B 3 -5.50 -18.96 16.43
CA GLY B 3 -6.08 -17.65 16.10
C GLY B 3 -7.53 -17.55 16.48
N ILE B 4 -7.96 -16.31 16.76
CA ILE B 4 -9.39 -16.07 17.04
C ILE B 4 -9.79 -14.89 16.17
N ILE B 5 -10.91 -15.01 15.52
CA ILE B 5 -11.56 -13.85 14.86
C ILE B 5 -12.78 -13.45 15.63
N LEU B 6 -12.71 -12.28 16.28
CA LEU B 6 -13.87 -11.75 17.04
C LEU B 6 -14.74 -10.99 16.06
N SER B 7 -15.93 -11.51 15.80
CA SER B 7 -16.74 -11.11 14.68
C SER B 7 -18.21 -11.01 15.12
N GLY B 8 -18.41 -10.39 16.28
CA GLY B 8 -19.76 -10.19 16.85
C GLY B 8 -20.10 -8.73 16.88
N GLY B 9 -20.77 -8.30 17.95
CA GLY B 9 -21.30 -6.94 18.03
C GLY B 9 -22.53 -6.72 17.14
N SER B 10 -23.03 -5.49 17.10
CA SER B 10 -24.36 -5.23 16.51
C SER B 10 -24.36 -4.61 15.10
N GLY B 11 -23.27 -3.91 14.75
CA GLY B 11 -23.17 -3.12 13.48
C GLY B 11 -24.26 -2.07 13.30
N THR B 12 -24.79 -1.53 14.41
CA THR B 12 -25.97 -0.64 14.37
C THR B 12 -25.77 0.51 13.42
N ARG B 13 -24.54 1.03 13.39
CA ARG B 13 -24.23 2.13 12.50
C ARG B 13 -24.59 1.78 11.03
N LEU B 14 -24.49 0.50 10.68
CA LEU B 14 -24.77 0.09 9.30
C LEU B 14 -26.21 -0.23 8.97
N TYR B 15 -27.09 -0.14 9.97
CA TYR B 15 -28.53 -0.42 9.79
C TYR B 15 -29.06 0.39 8.59
N PRO B 16 -29.88 -0.23 7.72
CA PRO B 16 -30.50 -1.55 7.84
C PRO B 16 -29.75 -2.71 7.14
N LEU B 17 -28.48 -2.51 6.77
CA LEU B 17 -27.76 -3.63 6.17
C LEU B 17 -27.67 -4.76 7.14
N THR B 18 -27.55 -4.39 8.41
CA THR B 18 -27.37 -5.33 9.48
C THR B 18 -28.69 -5.58 10.24
N LYS B 19 -29.82 -5.31 9.58
CA LYS B 19 -31.12 -5.48 10.25
C LYS B 19 -31.28 -6.95 10.67
N VAL B 20 -30.82 -7.86 9.81
CA VAL B 20 -30.81 -9.30 10.12
C VAL B 20 -29.38 -9.85 10.44
N VAL B 21 -28.40 -9.50 9.58
CA VAL B 21 -27.09 -10.18 9.62
C VAL B 21 -25.95 -9.29 10.08
N SER B 22 -24.86 -9.94 10.51
CA SER B 22 -23.74 -9.22 11.03
C SER B 22 -22.94 -8.59 9.91
N LYS B 23 -22.42 -7.45 10.26
CA LYS B 23 -21.57 -6.60 9.45
C LYS B 23 -20.47 -7.39 8.76
N GLN B 24 -19.94 -8.39 9.44
CA GLN B 24 -18.75 -9.07 8.90
C GLN B 24 -19.08 -10.08 7.79
N LEU B 25 -20.36 -10.23 7.48
CA LEU B 25 -20.84 -11.04 6.36
C LEU B 25 -21.08 -10.20 5.11
N LEU B 26 -20.97 -8.87 5.23
CA LEU B 26 -21.35 -8.00 4.11
C LEU B 26 -20.16 -7.93 3.12
N PRO B 27 -20.44 -7.68 1.84
CA PRO B 27 -19.32 -7.63 0.87
C PRO B 27 -18.36 -6.50 1.12
N VAL B 28 -17.07 -6.76 0.87
CA VAL B 28 -16.13 -5.68 0.59
C VAL B 28 -15.60 -5.91 -0.82
N TYR B 29 -16.23 -5.20 -1.77
CA TYR B 29 -16.04 -5.33 -3.23
C TYR B 29 -16.47 -6.67 -3.75
N ASP B 30 -15.64 -7.69 -3.58
CA ASP B 30 -15.95 -8.94 -4.22
C ASP B 30 -15.83 -10.15 -3.32
N LYS B 31 -15.64 -9.95 -2.01
CA LYS B 31 -15.73 -11.07 -1.10
C LYS B 31 -16.31 -10.62 0.25
N PRO B 32 -16.84 -11.56 1.03
CA PRO B 32 -17.35 -11.24 2.32
C PRO B 32 -16.29 -10.62 3.21
N MET B 33 -16.71 -9.67 4.04
CA MET B 33 -15.77 -8.90 4.88
C MET B 33 -14.83 -9.85 5.69
N VAL B 34 -15.39 -10.90 6.28
CA VAL B 34 -14.62 -11.77 7.18
C VAL B 34 -13.45 -12.46 6.44
N TYR B 35 -13.51 -12.57 5.11
CA TYR B 35 -12.36 -13.16 4.32
C TYR B 35 -11.06 -12.38 4.63
N TYR B 36 -11.18 -11.07 4.82
CA TYR B 36 -10.00 -10.26 4.94
C TYR B 36 -9.19 -10.52 6.23
N PRO B 37 -9.84 -10.46 7.41
CA PRO B 37 -9.10 -10.78 8.62
C PRO B 37 -8.72 -12.27 8.74
N LEU B 38 -9.52 -13.16 8.11
CA LEU B 38 -9.15 -14.62 8.04
C LEU B 38 -7.88 -14.79 7.20
N SER B 39 -7.77 -14.02 6.12
CA SER B 39 -6.61 -14.13 5.24
C SER B 39 -5.34 -13.76 5.99
N VAL B 40 -5.45 -12.77 6.86
CA VAL B 40 -4.35 -12.32 7.64
C VAL B 40 -3.81 -13.40 8.61
N LEU B 41 -4.73 -14.06 9.32
CA LEU B 41 -4.33 -15.13 10.20
C LEU B 41 -3.69 -16.24 9.36
N MET B 42 -4.29 -16.55 8.22
CA MET B 42 -3.70 -17.61 7.34
C MET B 42 -2.34 -17.26 6.86
N LEU B 43 -2.11 -15.98 6.49
CA LEU B 43 -0.76 -15.53 6.07
C LEU B 43 0.27 -15.52 7.19
N ALA B 44 -0.20 -15.47 8.45
CA ALA B 44 0.70 -15.48 9.57
C ALA B 44 1.17 -16.92 9.89
N GLY B 45 0.57 -17.90 9.22
CA GLY B 45 0.91 -19.28 9.45
C GLY B 45 -0.03 -19.93 10.43
N ILE B 46 -1.14 -19.24 10.70
CA ILE B 46 -2.14 -19.75 11.63
C ILE B 46 -3.24 -20.51 10.94
N LYS B 47 -3.41 -21.80 11.31
CA LYS B 47 -4.36 -22.68 10.58
C LYS B 47 -5.34 -23.39 11.52
N ASP B 48 -5.36 -22.98 12.78
CA ASP B 48 -6.33 -23.49 13.75
C ASP B 48 -6.98 -22.30 14.42
N ILE B 49 -8.19 -22.00 13.98
CA ILE B 49 -8.80 -20.69 14.18
C ILE B 49 -10.24 -20.83 14.72
N LEU B 50 -10.54 -20.06 15.75
CA LEU B 50 -11.88 -20.03 16.35
C LEU B 50 -12.55 -18.72 15.86
N ILE B 51 -13.77 -18.82 15.40
CA ILE B 51 -14.53 -17.62 15.01
C ILE B 51 -15.66 -17.43 16.04
N ILE B 52 -15.69 -16.24 16.63
CA ILE B 52 -16.62 -15.95 17.72
C ILE B 52 -17.61 -14.96 17.12
N SER B 53 -18.92 -15.26 17.18
CA SER B 53 -19.93 -14.23 16.84
C SER B 53 -21.13 -14.27 17.79
N THR B 54 -22.22 -13.63 17.39
CA THR B 54 -23.42 -13.55 18.21
C THR B 54 -24.16 -14.90 18.12
N PRO B 55 -25.05 -15.17 19.08
CA PRO B 55 -25.82 -16.40 18.95
C PRO B 55 -26.47 -16.53 17.57
N GLU B 56 -27.00 -15.43 17.01
CA GLU B 56 -27.70 -15.54 15.73
C GLU B 56 -26.81 -15.61 14.46
N ASP B 57 -25.62 -15.02 14.53
CA ASP B 57 -24.76 -14.93 13.31
C ASP B 57 -23.68 -15.99 13.27
N THR B 58 -23.27 -16.48 14.44
CA THR B 58 -22.31 -17.60 14.45
C THR B 58 -22.63 -18.69 13.41
N PRO B 59 -23.90 -19.17 13.33
CA PRO B 59 -24.25 -20.15 12.29
C PRO B 59 -24.11 -19.65 10.85
N ARG B 60 -24.23 -18.34 10.64
CA ARG B 60 -24.08 -17.82 9.31
C ARG B 60 -22.61 -17.86 8.88
N PHE B 61 -21.73 -17.62 9.83
CA PHE B 61 -20.28 -17.76 9.51
C PHE B 61 -19.94 -19.22 9.20
N GLU B 62 -20.51 -20.12 9.99
CA GLU B 62 -20.28 -21.52 9.80
C GLU B 62 -20.81 -22.01 8.46
N GLN B 63 -21.93 -21.44 7.99
CA GLN B 63 -22.45 -21.84 6.68
C GLN B 63 -21.56 -21.35 5.53
N LEU B 64 -20.99 -20.16 5.73
CA LEU B 64 -20.11 -19.58 4.76
C LEU B 64 -18.78 -20.37 4.67
N LEU B 65 -18.16 -20.64 5.83
CA LEU B 65 -16.72 -21.08 5.86
C LEU B 65 -16.57 -22.54 6.23
N GLY B 66 -17.60 -23.11 6.85
CA GLY B 66 -17.52 -24.50 7.37
C GLY B 66 -16.36 -24.76 8.28
N GLY B 67 -15.85 -25.98 8.23
CA GLY B 67 -14.87 -26.40 9.19
C GLY B 67 -13.47 -26.20 8.66
N GLY B 68 -13.36 -25.70 7.45
CA GLY B 68 -12.06 -25.20 6.94
C GLY B 68 -11.39 -26.19 6.03
N SER B 69 -12.00 -27.37 5.85
CA SER B 69 -11.29 -28.44 5.10
C SER B 69 -10.85 -28.06 3.67
N GLU B 70 -11.66 -27.24 2.97
CA GLU B 70 -11.33 -26.83 1.60
C GLU B 70 -10.05 -26.03 1.58
N LEU B 71 -9.79 -25.33 2.68
CA LEU B 71 -8.65 -24.45 2.79
C LEU B 71 -7.48 -25.14 3.48
N GLY B 72 -7.64 -26.43 3.83
CA GLY B 72 -6.57 -27.11 4.59
C GLY B 72 -6.38 -26.69 6.04
N ILE B 73 -7.33 -25.92 6.59
CA ILE B 73 -7.21 -25.42 7.94
C ILE B 73 -8.35 -25.95 8.80
N SER B 74 -8.29 -25.61 10.08
CA SER B 74 -9.34 -25.97 11.02
C SER B 74 -10.06 -24.72 11.48
N LEU B 75 -11.34 -24.67 11.20
CA LEU B 75 -12.20 -23.62 11.74
C LEU B 75 -13.20 -24.23 12.73
N SER B 76 -13.39 -23.53 13.84
CA SER B 76 -14.40 -23.90 14.82
C SER B 76 -15.06 -22.62 15.31
N TYR B 77 -16.15 -22.75 16.06
CA TYR B 77 -17.07 -21.64 16.26
C TYR B 77 -17.45 -21.54 17.74
N ALA B 78 -17.58 -20.33 18.27
CA ALA B 78 -18.13 -20.15 19.63
C ALA B 78 -19.00 -18.89 19.67
N VAL B 79 -19.93 -18.85 20.62
CA VAL B 79 -20.90 -17.76 20.71
C VAL B 79 -20.52 -16.80 21.82
N GLN B 80 -20.65 -15.51 21.54
CA GLN B 80 -20.50 -14.48 22.55
C GLN B 80 -21.88 -13.94 22.82
N SER B 81 -22.41 -14.23 24.01
CA SER B 81 -23.77 -13.83 24.36
C SER B 81 -24.00 -12.32 24.36
N SER B 82 -22.98 -11.56 24.72
CA SER B 82 -23.10 -10.12 24.82
C SER B 82 -21.72 -9.49 24.57
N PRO B 83 -21.68 -8.30 23.94
CA PRO B 83 -20.42 -7.66 23.57
C PRO B 83 -19.76 -6.93 24.72
N ASP B 84 -19.24 -7.73 25.65
CA ASP B 84 -18.72 -7.25 26.93
C ASP B 84 -17.26 -6.86 26.85
N GLY B 85 -16.66 -6.98 25.66
CA GLY B 85 -15.34 -6.41 25.45
C GLY B 85 -14.46 -7.36 24.65
N LEU B 86 -13.49 -6.79 23.95
CA LEU B 86 -12.57 -7.61 23.16
C LEU B 86 -11.86 -8.68 24.00
N ALA B 87 -11.47 -8.33 25.24
CA ALA B 87 -10.67 -9.28 26.07
C ALA B 87 -11.47 -10.52 26.37
N GLN B 88 -12.77 -10.42 26.24
CA GLN B 88 -13.60 -11.57 26.45
C GLN B 88 -13.28 -12.71 25.53
N ALA B 89 -12.77 -12.40 24.33
CA ALA B 89 -12.42 -13.45 23.40
C ALA B 89 -11.54 -14.59 24.04
N PHE B 90 -10.68 -14.20 24.98
CA PHE B 90 -9.72 -15.15 25.59
C PHE B 90 -10.35 -15.89 26.75
N ILE B 91 -11.48 -15.38 27.20
CA ILE B 91 -12.30 -16.09 28.18
C ILE B 91 -13.19 -17.10 27.48
N ILE B 92 -13.95 -16.65 26.47
CA ILE B 92 -14.74 -17.55 25.62
C ILE B 92 -13.79 -18.60 24.96
N GLY B 93 -12.56 -18.16 24.67
CA GLY B 93 -11.59 -18.97 23.92
C GLY B 93 -10.64 -19.80 24.78
N GLU B 94 -10.82 -19.79 26.09
CA GLU B 94 -9.86 -20.41 26.99
C GLU B 94 -9.59 -21.90 26.63
N GLU B 95 -10.64 -22.65 26.35
CA GLU B 95 -10.46 -24.07 26.18
C GLU B 95 -9.76 -24.29 24.86
N PHE B 96 -10.19 -23.52 23.87
CA PHE B 96 -9.63 -23.59 22.53
C PHE B 96 -8.12 -23.29 22.53
N ILE B 97 -7.73 -22.28 23.30
CA ILE B 97 -6.36 -21.84 23.36
C ILE B 97 -5.47 -22.88 24.04
N GLY B 98 -5.97 -23.45 25.13
CA GLY B 98 -5.14 -24.37 25.93
C GLY B 98 -3.84 -23.71 26.35
N ASP B 99 -2.73 -24.39 26.10
CA ASP B 99 -1.44 -23.93 26.52
C ASP B 99 -0.76 -23.13 25.42
N ASP B 100 -1.48 -22.91 24.34
CA ASP B 100 -0.89 -22.34 23.10
C ASP B 100 -0.68 -20.83 23.16
N ASN B 101 0.15 -20.35 22.26
CA ASN B 101 0.09 -18.94 21.81
C ASN B 101 -1.17 -18.67 20.99
N VAL B 102 -1.59 -17.41 20.92
CA VAL B 102 -2.81 -17.14 20.16
C VAL B 102 -2.86 -15.70 19.69
N ALA B 103 -3.33 -15.53 18.46
CA ALA B 103 -3.53 -14.21 17.88
C ALA B 103 -5.03 -13.89 17.83
N LEU B 104 -5.34 -12.59 17.95
CA LEU B 104 -6.70 -12.14 17.86
C LEU B 104 -6.76 -11.16 16.74
N VAL B 105 -7.76 -11.30 15.90
CA VAL B 105 -8.05 -10.28 14.89
C VAL B 105 -9.54 -9.91 14.91
N LEU B 106 -9.84 -8.64 14.67
CA LEU B 106 -11.28 -8.25 14.58
C LEU B 106 -11.84 -8.55 13.21
N GLY B 107 -13.04 -9.10 13.20
CA GLY B 107 -13.73 -9.56 11.95
C GLY B 107 -13.95 -8.45 10.95
N ASP B 108 -13.95 -7.20 11.42
CA ASP B 108 -14.20 -6.09 10.54
C ASP B 108 -12.97 -5.30 10.15
N ASN B 109 -11.79 -5.84 10.41
CA ASN B 109 -10.57 -5.05 10.14
C ASN B 109 -9.99 -5.50 8.80
N ILE B 110 -9.53 -4.54 8.02
CA ILE B 110 -8.94 -4.86 6.69
C ILE B 110 -7.57 -4.25 6.64
N PHE B 111 -6.55 -5.13 6.61
CA PHE B 111 -5.14 -4.68 6.53
C PHE B 111 -4.58 -4.98 5.15
N TYR B 112 -3.78 -4.11 4.57
CA TYR B 112 -3.16 -4.44 3.28
C TYR B 112 -1.92 -3.65 3.12
N GLY B 113 -0.80 -4.26 2.78
CA GLY B 113 0.39 -3.47 2.46
C GLY B 113 1.60 -4.32 2.15
N HIS B 114 2.57 -3.69 1.53
CA HIS B 114 3.80 -4.35 1.18
C HIS B 114 4.58 -4.73 2.43
N GLY B 115 5.11 -5.96 2.43
CA GLY B 115 5.96 -6.40 3.53
C GLY B 115 5.13 -7.00 4.66
N PHE B 116 3.80 -7.02 4.51
CA PHE B 116 2.96 -7.40 5.68
C PHE B 116 3.16 -8.84 6.12
N THR B 117 3.33 -9.77 5.16
CA THR B 117 3.39 -11.19 5.49
C THR B 117 4.62 -11.44 6.42
N GLU B 118 5.73 -10.76 6.12
CA GLU B 118 6.95 -10.85 6.95
C GLU B 118 6.62 -10.52 8.38
N LEU B 119 5.96 -9.39 8.59
CA LEU B 119 5.67 -8.91 9.92
C LEU B 119 4.80 -9.90 10.62
N LEU B 120 3.77 -10.39 9.91
CA LEU B 120 2.83 -11.41 10.45
C LEU B 120 3.55 -12.65 10.89
N GLN B 121 4.41 -13.17 10.00
CA GLN B 121 5.16 -14.37 10.37
C GLN B 121 6.10 -14.14 11.57
N ARG B 122 6.75 -13.00 11.62
CA ARG B 122 7.66 -12.69 12.75
C ARG B 122 6.89 -12.68 14.08
N ALA B 123 5.74 -12.01 14.07
CA ALA B 123 4.85 -11.99 15.24
C ALA B 123 4.36 -13.38 15.65
N ALA B 124 3.96 -14.19 14.68
CA ALA B 124 3.40 -15.47 14.96
C ALA B 124 4.47 -16.41 15.53
N ASN B 125 5.71 -16.16 15.17
CA ASN B 125 6.83 -17.04 15.59
C ASN B 125 7.61 -16.57 16.81
N ARG B 126 7.19 -15.48 17.45
CA ARG B 126 7.77 -15.07 18.74
C ARG B 126 7.50 -16.15 19.75
N LYS B 127 8.51 -16.52 20.52
CA LYS B 127 8.30 -17.54 21.54
C LYS B 127 7.61 -16.90 22.78
N SER B 128 7.89 -15.63 23.01
CA SER B 128 7.25 -14.93 24.12
C SER B 128 6.92 -13.45 23.85
N GLY B 129 6.05 -12.93 24.71
CA GLY B 129 5.66 -11.53 24.69
C GLY B 129 4.37 -11.31 23.85
N ALA B 130 4.21 -10.09 23.35
CA ALA B 130 3.01 -9.72 22.58
C ALA B 130 3.42 -8.77 21.51
N THR B 131 2.73 -8.81 20.35
CA THR B 131 2.94 -7.85 19.30
C THR B 131 1.65 -7.15 18.94
N ILE B 132 1.70 -5.84 18.93
CA ILE B 132 0.58 -5.07 18.40
C ILE B 132 1.04 -4.21 17.30
N PHE B 133 0.07 -3.57 16.60
CA PHE B 133 0.32 -2.86 15.35
C PHE B 133 -0.31 -1.47 15.44
N GLY B 134 0.53 -0.45 15.36
CA GLY B 134 0.09 0.93 15.44
C GLY B 134 -0.13 1.48 14.03
N TYR B 135 -1.00 2.48 13.93
CA TYR B 135 -1.26 3.12 12.64
C TYR B 135 -1.63 4.60 12.89
N ASN B 136 -1.00 5.51 12.18
CA ASN B 136 -1.33 6.93 12.31
C ASN B 136 -2.74 7.18 11.74
N VAL B 137 -3.65 7.72 12.56
CA VAL B 137 -5.03 7.97 12.15
C VAL B 137 -5.44 9.41 12.42
N LYS B 138 -6.48 9.85 11.70
CA LYS B 138 -7.08 11.19 11.84
C LYS B 138 -7.60 11.56 13.26
N ASP B 139 -8.33 10.64 13.86
CA ASP B 139 -9.12 10.92 15.07
C ASP B 139 -8.79 9.83 16.08
N PRO B 140 -7.57 9.84 16.60
CA PRO B 140 -7.02 8.74 17.36
C PRO B 140 -7.76 8.54 18.64
N GLN B 141 -8.48 9.59 19.07
CA GLN B 141 -9.26 9.51 20.29
C GLN B 141 -10.37 8.48 20.18
N ARG B 142 -10.65 8.03 18.95
CA ARG B 142 -11.61 6.97 18.74
C ARG B 142 -11.03 5.57 18.98
N PHE B 143 -9.74 5.50 19.28
CA PHE B 143 -9.01 4.21 19.33
C PHE B 143 -8.20 4.00 20.62
N GLY B 144 -7.66 2.79 20.79
CA GLY B 144 -6.54 2.62 21.65
C GLY B 144 -5.39 3.37 21.02
N VAL B 145 -4.67 4.08 21.85
CA VAL B 145 -3.59 4.92 21.41
C VAL B 145 -2.29 4.58 22.08
N VAL B 146 -1.24 4.45 21.29
CA VAL B 146 0.02 4.01 21.80
C VAL B 146 1.01 5.13 21.63
N GLU B 147 1.66 5.46 22.76
CA GLU B 147 2.60 6.60 22.84
C GLU B 147 4.04 6.12 22.87
N PHE B 148 4.93 6.96 22.34
CA PHE B 148 6.34 6.61 22.22
C PHE B 148 7.33 7.48 23.00
N ASP B 149 8.58 7.01 23.04
CA ASP B 149 9.69 7.70 23.70
C ASP B 149 10.33 8.69 22.74
N GLU B 150 11.32 9.45 23.24
CA GLU B 150 12.19 10.23 22.36
C GLU B 150 13.04 9.31 21.49
N LYS B 151 13.05 8.02 21.83
CA LYS B 151 13.80 7.03 21.06
C LYS B 151 12.87 6.13 20.24
N GLY B 152 11.59 6.14 20.60
CA GLY B 152 10.61 5.25 19.95
C GLY B 152 10.35 4.01 20.77
N LYS B 153 10.52 4.13 22.08
CA LYS B 153 10.12 3.08 23.00
C LYS B 153 8.67 3.30 23.45
N VAL B 154 7.84 2.28 23.32
CA VAL B 154 6.48 2.31 23.89
C VAL B 154 6.57 2.71 25.33
N ILE B 155 5.80 3.73 25.72
CA ILE B 155 5.76 4.16 27.12
C ILE B 155 4.37 4.14 27.73
N SER B 156 3.34 4.23 26.90
CA SER B 156 1.97 4.15 27.40
C SER B 156 0.99 3.68 26.32
N ILE B 157 -0.11 3.10 26.77
CA ILE B 157 -1.21 2.80 25.92
C ILE B 157 -2.45 3.21 26.66
N GLU B 158 -3.36 3.90 25.95
CA GLU B 158 -4.51 4.53 26.56
C GLU B 158 -5.71 4.25 25.65
N GLU B 159 -6.82 3.82 26.23
CA GLU B 159 -7.99 3.53 25.41
C GLU B 159 -8.86 4.77 25.25
N LYS B 160 -8.84 5.37 24.08
CA LYS B 160 -9.61 6.61 23.84
C LYS B 160 -9.27 7.73 24.77
N PRO B 161 -8.01 8.10 24.80
CA PRO B 161 -7.63 9.27 25.56
C PRO B 161 -8.39 10.51 25.02
N GLU B 162 -8.61 11.49 25.88
CA GLU B 162 -9.30 12.71 25.45
C GLU B 162 -8.26 13.64 24.92
N GLU B 163 -7.07 13.54 25.48
CA GLU B 163 -5.87 14.12 24.91
C GLU B 163 -4.92 13.01 24.47
N PRO B 164 -5.12 12.48 23.26
CA PRO B 164 -4.22 11.41 22.83
C PRO B 164 -2.77 11.86 22.89
N LYS B 165 -1.90 11.01 23.42
CA LYS B 165 -0.46 11.32 23.48
C LYS B 165 0.25 11.11 22.14
N SER B 166 -0.48 10.56 21.17
CA SER B 166 0.04 10.42 19.82
C SER B 166 -1.11 10.26 18.85
N SER B 167 -0.77 10.16 17.59
CA SER B 167 -1.77 9.92 16.59
C SER B 167 -1.86 8.44 16.23
N TYR B 168 -1.09 7.59 16.92
CA TYR B 168 -1.03 6.15 16.53
C TYR B 168 -2.12 5.35 17.20
N ALA B 169 -3.11 4.90 16.41
CA ALA B 169 -4.08 3.92 16.87
C ALA B 169 -3.46 2.53 17.01
N VAL B 170 -3.95 1.77 17.99
CA VAL B 170 -3.61 0.35 18.09
C VAL B 170 -4.69 -0.44 17.36
N THR B 171 -4.34 -1.00 16.19
CA THR B 171 -5.30 -1.62 15.33
C THR B 171 -5.80 -2.94 15.89
N GLY B 172 -6.79 -3.54 15.21
CA GLY B 172 -7.51 -4.78 15.67
C GLY B 172 -6.82 -6.09 15.35
N LEU B 173 -5.51 -6.11 15.59
CA LEU B 173 -4.69 -7.33 15.29
C LEU B 173 -3.62 -7.44 16.40
N TYR B 174 -3.65 -8.60 17.10
CA TYR B 174 -2.82 -8.77 18.31
C TYR B 174 -2.25 -10.17 18.36
N PHE B 175 -0.95 -10.30 18.68
CA PHE B 175 -0.35 -11.62 18.84
C PHE B 175 0.14 -11.74 20.29
N TYR B 176 -0.25 -12.84 20.92
CA TYR B 176 0.03 -13.04 22.36
C TYR B 176 0.64 -14.40 22.64
N ASP B 177 1.47 -14.46 23.67
CA ASP B 177 1.84 -15.76 24.29
C ASP B 177 0.80 -16.20 25.27
N ASN B 178 0.98 -17.37 25.84
CA ASN B 178 -0.13 -18.00 26.51
C ASN B 178 -0.56 -17.21 27.81
N ARG B 179 0.26 -16.25 28.23
CA ARG B 179 -0.04 -15.49 29.48
C ARG B 179 -1.35 -14.72 29.33
N VAL B 180 -1.74 -14.49 28.08
CA VAL B 180 -2.92 -13.64 27.83
C VAL B 180 -4.20 -14.27 28.43
N VAL B 181 -4.25 -15.60 28.50
CA VAL B 181 -5.39 -16.28 29.12
C VAL B 181 -5.61 -15.80 30.59
N ASP B 182 -4.57 -15.87 31.42
CA ASP B 182 -4.73 -15.43 32.82
C ASP B 182 -4.77 -13.95 32.98
N ILE B 183 -4.09 -13.23 32.09
CA ILE B 183 -4.27 -11.80 32.04
C ILE B 183 -5.73 -11.41 31.87
N ALA B 184 -6.39 -12.08 30.93
CA ALA B 184 -7.74 -11.69 30.57
C ALA B 184 -8.64 -11.99 31.74
N LYS B 185 -8.38 -13.10 32.39
CA LYS B 185 -9.23 -13.52 33.49
C LYS B 185 -9.25 -12.52 34.63
N ASN B 186 -8.20 -11.70 34.70
CA ASN B 186 -8.02 -10.81 35.83
C ASN B 186 -8.30 -9.35 35.54
N ILE B 187 -8.60 -9.01 34.28
CA ILE B 187 -8.96 -7.62 34.03
C ILE B 187 -10.39 -7.31 34.47
N THR B 188 -10.60 -6.06 34.83
CA THR B 188 -11.91 -5.69 35.31
C THR B 188 -12.58 -4.70 34.39
N PRO B 189 -13.91 -4.64 34.44
CA PRO B 189 -14.67 -3.75 33.59
C PRO B 189 -14.24 -2.31 33.69
N SER B 190 -14.11 -1.67 32.52
CA SER B 190 -13.51 -0.34 32.42
C SER B 190 -14.58 0.70 32.71
N ALA B 191 -14.22 1.95 32.46
CA ALA B 191 -15.19 3.07 32.59
C ALA B 191 -16.39 2.89 31.67
N ARG B 192 -16.25 2.11 30.60
CA ARG B 192 -17.42 1.84 29.76
C ARG B 192 -17.99 0.46 29.98
N GLY B 193 -17.57 -0.19 31.06
CA GLY B 193 -18.16 -1.44 31.48
C GLY B 193 -17.65 -2.64 30.70
N GLU B 194 -16.52 -2.47 30.03
CA GLU B 194 -16.00 -3.53 29.15
C GLU B 194 -14.69 -4.10 29.60
N LEU B 195 -14.42 -5.31 29.10
CA LEU B 195 -13.15 -5.93 29.32
C LEU B 195 -12.20 -5.52 28.16
N GLU B 196 -11.31 -4.57 28.42
CA GLU B 196 -10.63 -3.81 27.33
C GLU B 196 -9.40 -4.58 26.80
N ILE B 197 -9.20 -4.58 25.49
CA ILE B 197 -7.96 -5.13 24.98
C ILE B 197 -6.76 -4.29 25.36
N THR B 198 -6.99 -3.00 25.58
CA THR B 198 -5.91 -2.12 25.95
C THR B 198 -5.36 -2.56 27.31
N ASP B 199 -6.21 -3.16 28.11
CA ASP B 199 -5.75 -3.61 29.43
C ASP B 199 -4.81 -4.82 29.36
N VAL B 200 -5.10 -5.68 28.39
CA VAL B 200 -4.19 -6.80 28.06
C VAL B 200 -2.87 -6.21 27.57
N ASN B 201 -2.93 -5.25 26.64
CA ASN B 201 -1.71 -4.72 26.11
C ASN B 201 -0.88 -4.00 27.15
N LYS B 202 -1.55 -3.26 28.03
CA LYS B 202 -0.88 -2.65 29.17
C LYS B 202 -0.19 -3.65 30.09
N ALA B 203 -0.80 -4.81 30.26
CA ALA B 203 -0.13 -5.89 31.00
C ALA B 203 1.20 -6.28 30.38
N TYR B 204 1.24 -6.47 29.06
CA TYR B 204 2.50 -6.81 28.45
C TYR B 204 3.52 -5.67 28.51
N LEU B 205 3.02 -4.41 28.40
CA LEU B 205 3.88 -3.24 28.50
C LEU B 205 4.57 -3.25 29.88
N GLU B 206 3.81 -3.60 30.90
CA GLU B 206 4.31 -3.63 32.30
C GLU B 206 5.33 -4.75 32.50
N LEU B 207 5.17 -5.82 31.71
CA LEU B 207 6.11 -6.92 31.75
C LEU B 207 7.36 -6.57 30.97
N GLY B 208 7.29 -5.49 30.18
CA GLY B 208 8.42 -5.09 29.37
C GLY B 208 8.58 -6.06 28.22
N GLU B 209 7.46 -6.62 27.77
CA GLU B 209 7.50 -7.62 26.71
C GLU B 209 6.50 -7.31 25.63
N LEU B 210 6.21 -6.02 25.45
CA LEU B 210 5.31 -5.55 24.34
C LEU B 210 6.11 -5.10 23.17
N HIS B 211 5.86 -5.70 21.99
CA HIS B 211 6.49 -5.30 20.74
C HIS B 211 5.46 -4.59 19.93
N VAL B 212 5.81 -3.41 19.42
CA VAL B 212 4.85 -2.63 18.61
C VAL B 212 5.41 -2.45 17.23
N GLU B 213 4.66 -2.90 16.24
CA GLU B 213 5.04 -2.65 14.87
C GLU B 213 4.30 -1.42 14.44
N LEU B 214 5.00 -0.39 14.03
CA LEU B 214 4.34 0.73 13.44
C LEU B 214 4.10 0.47 11.94
N LEU B 215 2.83 0.38 11.57
CA LEU B 215 2.49 0.25 10.16
C LEU B 215 2.48 1.69 9.66
N GLY B 216 3.48 2.02 8.91
CA GLY B 216 3.59 3.26 8.25
C GLY B 216 2.48 3.72 7.35
N ARG B 217 2.67 4.89 6.79
CA ARG B 217 1.68 5.54 6.00
C ARG B 217 1.49 4.81 4.67
N GLY B 218 2.47 3.96 4.29
CA GLY B 218 2.30 3.17 3.07
C GLY B 218 1.38 1.97 3.22
N PHE B 219 0.95 1.69 4.45
CA PHE B 219 0.08 0.61 4.74
C PHE B 219 -1.37 1.09 4.72
N ALA B 220 -2.30 0.20 4.35
CA ALA B 220 -3.72 0.53 4.45
C ALA B 220 -4.36 -0.23 5.61
N TRP B 221 -5.09 0.48 6.46
CA TRP B 221 -5.89 -0.19 7.50
C TRP B 221 -7.26 0.44 7.47
N LEU B 222 -8.21 -0.26 6.87
CA LEU B 222 -9.41 0.41 6.26
C LEU B 222 -10.55 0.48 7.24
N ASP B 223 -11.25 1.63 7.26
CA ASP B 223 -12.48 1.80 8.05
C ASP B 223 -13.65 0.97 7.42
N THR B 224 -14.28 0.08 8.21
CA THR B 224 -15.54 -0.59 7.81
C THR B 224 -16.75 -0.19 8.70
N GLY B 225 -16.63 0.97 9.36
CA GLY B 225 -17.61 1.37 10.40
C GLY B 225 -18.86 2.05 9.90
N THR B 226 -18.76 2.73 8.76
CA THR B 226 -19.87 3.51 8.22
C THR B 226 -20.21 3.03 6.81
N HIS B 227 -21.39 3.40 6.32
CA HIS B 227 -21.72 3.12 4.93
C HIS B 227 -20.69 3.72 4.01
N GLU B 228 -20.26 4.94 4.31
CA GLU B 228 -19.27 5.62 3.45
C GLU B 228 -17.93 4.88 3.48
N SER B 229 -17.52 4.47 4.65
CA SER B 229 -16.18 3.88 4.80
C SER B 229 -16.16 2.47 4.20
N LEU B 230 -17.31 1.79 4.30
CA LEU B 230 -17.44 0.46 3.69
C LEU B 230 -17.27 0.61 2.17
N LEU B 231 -17.89 1.64 1.58
CA LEU B 231 -17.84 1.85 0.15
C LEU B 231 -16.40 2.18 -0.26
N GLN B 232 -15.73 3.03 0.52
CA GLN B 232 -14.36 3.41 0.20
C GLN B 232 -13.43 2.20 0.28
N ALA B 233 -13.61 1.35 1.27
CA ALA B 233 -12.79 0.10 1.39
C ALA B 233 -13.00 -0.79 0.17
N SER B 234 -14.25 -0.88 -0.27
CA SER B 234 -14.60 -1.62 -1.48
C SER B 234 -13.89 -1.04 -2.71
N GLN B 235 -13.87 0.28 -2.85
CA GLN B 235 -13.24 0.91 -4.00
C GLN B 235 -11.72 0.72 -3.96
N PHE B 236 -11.17 0.70 -2.74
CA PHE B 236 -9.74 0.51 -2.55
C PHE B 236 -9.36 -0.90 -3.04
N ILE B 237 -10.08 -1.91 -2.58
CA ILE B 237 -9.84 -3.28 -3.09
C ILE B 237 -10.01 -3.38 -4.63
N GLU B 238 -11.05 -2.75 -5.18
CA GLU B 238 -11.32 -2.88 -6.61
C GLU B 238 -10.11 -2.33 -7.41
N THR B 239 -9.60 -1.23 -6.94
CA THR B 239 -8.53 -0.53 -7.62
C THR B 239 -7.27 -1.36 -7.66
N ILE B 240 -6.92 -1.95 -6.52
CA ILE B 240 -5.74 -2.86 -6.45
C ILE B 240 -5.93 -4.07 -7.37
N GLU B 241 -7.11 -4.70 -7.28
CA GLU B 241 -7.32 -5.96 -7.97
C GLU B 241 -7.40 -5.77 -9.48
N LYS B 242 -8.04 -4.69 -9.88
CA LYS B 242 -8.15 -4.29 -11.28
C LYS B 242 -6.79 -4.15 -11.92
N ARG B 243 -5.91 -3.44 -11.26
CA ARG B 243 -4.66 -3.12 -11.86
C ARG B 243 -3.79 -4.37 -12.00
N GLN B 244 -3.77 -5.18 -10.96
CA GLN B 244 -2.78 -6.28 -10.83
C GLN B 244 -3.38 -7.49 -11.39
N SER B 245 -2.60 -8.52 -11.63
CA SER B 245 -3.30 -9.74 -11.96
C SER B 245 -3.83 -10.53 -10.76
N LEU B 246 -3.93 -9.87 -9.61
CA LEU B 246 -3.97 -10.58 -8.30
C LEU B 246 -5.15 -10.15 -7.39
N LYS B 247 -5.59 -11.06 -6.56
CA LYS B 247 -6.69 -10.80 -5.65
C LYS B 247 -6.12 -10.53 -4.25
N VAL B 248 -6.82 -9.69 -3.48
CA VAL B 248 -6.51 -9.53 -2.06
C VAL B 248 -7.38 -10.48 -1.28
N ALA B 249 -6.78 -11.27 -0.37
CA ALA B 249 -7.60 -12.11 0.55
C ALA B 249 -8.41 -13.17 -0.16
N CYS B 250 -7.83 -13.73 -1.22
CA CYS B 250 -8.42 -14.89 -1.87
C CYS B 250 -7.96 -16.11 -1.08
N LEU B 251 -8.90 -16.73 -0.35
CA LEU B 251 -8.56 -17.66 0.72
C LEU B 251 -7.91 -18.92 0.11
N GLU B 252 -8.45 -19.39 -1.01
CA GLU B 252 -7.95 -20.63 -1.66
C GLU B 252 -6.53 -20.40 -2.18
N GLU B 253 -6.27 -19.20 -2.72
CA GLU B 253 -4.91 -18.86 -3.15
C GLU B 253 -3.95 -18.90 -1.98
N ILE B 254 -4.36 -18.25 -0.88
CA ILE B 254 -3.54 -18.22 0.28
C ILE B 254 -3.32 -19.62 0.88
N ALA B 255 -4.35 -20.45 0.90
CA ALA B 255 -4.17 -21.86 1.35
C ALA B 255 -3.07 -22.54 0.54
N TYR B 256 -3.06 -22.32 -0.76
CA TYR B 256 -2.06 -22.95 -1.59
C TYR B 256 -0.69 -22.37 -1.34
N ARG B 257 -0.61 -21.03 -1.35
CA ARG B 257 0.68 -20.39 -1.06
C ARG B 257 1.31 -20.76 0.27
N MET B 258 0.49 -21.02 1.30
CA MET B 258 1.01 -21.32 2.63
C MET B 258 1.29 -22.81 2.80
N GLY B 259 0.95 -23.58 1.78
CA GLY B 259 1.16 -25.05 1.82
C GLY B 259 0.14 -25.77 2.66
N TYR B 260 -0.99 -25.12 2.95
CA TYR B 260 -2.09 -25.84 3.59
C TYR B 260 -2.80 -26.85 2.70
N ILE B 261 -2.83 -26.58 1.39
CA ILE B 261 -3.41 -27.47 0.43
C ILE B 261 -2.38 -27.67 -0.69
N SER B 262 -2.51 -28.79 -1.37
CA SER B 262 -1.61 -29.12 -2.47
C SER B 262 -2.09 -28.47 -3.77
N ARG B 263 -1.25 -28.51 -4.79
CA ARG B 263 -1.62 -28.12 -6.13
C ARG B 263 -2.82 -28.88 -6.63
N GLU B 264 -2.81 -30.21 -6.50
CA GLU B 264 -4.00 -30.96 -6.93
C GLU B 264 -5.31 -30.53 -6.18
N GLN B 265 -5.21 -30.36 -4.87
CA GLN B 265 -6.39 -29.89 -4.10
C GLN B 265 -6.87 -28.52 -4.61
N LEU B 266 -5.94 -27.65 -5.01
CA LEU B 266 -6.35 -26.32 -5.53
C LEU B 266 -7.03 -26.49 -6.87
N ILE B 267 -6.51 -27.37 -7.70
CA ILE B 267 -7.18 -27.73 -8.95
C ILE B 267 -8.61 -28.24 -8.73
N LYS B 268 -8.80 -29.07 -7.72
CA LYS B 268 -10.12 -29.60 -7.46
C LYS B 268 -11.05 -28.52 -6.98
N LEU B 269 -10.51 -27.53 -6.25
CA LEU B 269 -11.33 -26.35 -5.89
C LEU B 269 -11.74 -25.54 -7.12
N ALA B 270 -10.84 -25.43 -8.10
CA ALA B 270 -11.08 -24.55 -9.24
C ALA B 270 -12.06 -25.19 -10.21
N GLU B 271 -12.03 -26.52 -10.27
CA GLU B 271 -12.80 -27.24 -11.30
C GLU B 271 -14.30 -26.87 -11.35
N PRO B 272 -15.01 -26.91 -10.20
CA PRO B 272 -16.43 -26.62 -10.32
C PRO B 272 -16.72 -25.12 -10.51
N LEU B 273 -15.69 -24.29 -10.54
CA LEU B 273 -15.89 -22.84 -10.60
C LEU B 273 -15.37 -22.23 -11.91
N MET B 274 -15.14 -23.07 -12.91
CA MET B 274 -14.40 -22.65 -14.09
C MET B 274 -15.28 -21.82 -15.04
N LYS B 275 -16.51 -21.57 -14.63
CA LYS B 275 -17.45 -20.71 -15.40
C LYS B 275 -17.58 -19.34 -14.73
N ASN B 276 -16.74 -19.08 -13.75
CA ASN B 276 -16.56 -17.73 -13.28
C ASN B 276 -15.09 -17.39 -13.14
N GLU B 277 -14.80 -16.10 -13.10
CA GLU B 277 -13.44 -15.63 -13.07
C GLU B 277 -12.72 -16.12 -11.82
N TYR B 278 -13.47 -16.31 -10.73
CA TYR B 278 -12.89 -16.82 -9.46
C TYR B 278 -12.21 -18.19 -9.65
N GLY B 279 -12.92 -19.11 -10.30
CA GLY B 279 -12.34 -20.43 -10.60
C GLY B 279 -11.17 -20.34 -11.55
N GLN B 280 -11.31 -19.55 -12.62
CA GLN B 280 -10.26 -19.41 -13.59
C GLN B 280 -8.99 -18.87 -12.93
N TYR B 281 -9.15 -17.96 -11.99
CA TYR B 281 -8.00 -17.40 -11.27
C TYR B 281 -7.26 -18.51 -10.50
N LEU B 282 -8.02 -19.35 -9.82
CA LEU B 282 -7.46 -20.44 -8.99
C LEU B 282 -6.79 -21.47 -9.90
N MET B 283 -7.43 -21.78 -11.02
CA MET B 283 -6.85 -22.69 -12.01
C MET B 283 -5.53 -22.15 -12.60
N ASN B 284 -5.50 -20.87 -12.98
CA ASN B 284 -4.25 -20.26 -13.49
C ASN B 284 -3.14 -20.32 -12.47
N LEU B 285 -3.50 -20.02 -11.21
CA LEU B 285 -2.55 -20.16 -10.12
C LEU B 285 -1.95 -21.55 -10.04
N ALA B 286 -2.82 -22.57 -10.11
CA ALA B 286 -2.41 -23.98 -9.92
C ALA B 286 -1.43 -24.34 -11.00
N HIS B 287 -1.59 -23.72 -12.16
CA HIS B 287 -0.80 -24.09 -13.35
C HIS B 287 0.45 -23.26 -13.59
N ARG B 288 0.68 -22.27 -12.73
CA ARG B 288 1.92 -21.49 -12.77
C ARG B 288 3.09 -22.21 -12.12
N SER B 289 4.29 -21.95 -12.65
CA SER B 289 5.54 -22.46 -12.10
C SER B 289 5.87 -21.80 -10.77
#